data_1VF1
#
_entry.id   1VF1
#
_cell.length_a   55.159
_cell.length_b   85.609
_cell.length_c   114.370
_cell.angle_alpha   90.00
_cell.angle_beta   90.00
_cell.angle_gamma   90.00
#
_symmetry.space_group_name_H-M   'I 21 21 21'
#
loop_
_entity.id
_entity.type
_entity.pdbx_description
1 polymer 'Glutathione S-transferase 3'
2 non-polymer GLUTATHIONE
3 water water
#
_entity_poly.entity_id   1
_entity_poly.type   'polypeptide(L)'
_entity_poly.pdbx_seq_one_letter_code
;MAAKPVLYYFNGRGKMESIRWLLAAAGVEFEEVFLETREQYEKLLQSGILMFQQVPMVEIDGMKLVQTRAILNYIAGKYN
LYGKDLKERALIDMYVGGTDDLMGFLLSFPFLSAEDKVKQCAFVVEKATSRYFPAYEKVLKDHGQDFLVGNRLSWADIHL
LEAILMVEEKKSDALSGFPLLQAFKKRISSIPTIKKFLAPGSKRKPISDDKYVETVRRVLRMYYDVKPH
;
_entity_poly.pdbx_strand_id   A
#
loop_
_chem_comp.id
_chem_comp.type
_chem_comp.name
_chem_comp.formula
GSH non-polymer GLUTATHIONE 'C10 H17 N3 O6 S'
#
# COMPACT_ATOMS: atom_id res chain seq x y z
N ALA A 3 4.85 22.95 4.46
CA ALA A 3 3.56 22.72 3.73
C ALA A 3 3.22 21.23 3.69
N LYS A 4 1.93 20.93 3.67
CA LYS A 4 1.45 19.55 3.63
C LYS A 4 1.92 18.80 2.40
N PRO A 5 2.13 17.48 2.53
CA PRO A 5 2.58 16.69 1.38
C PRO A 5 1.47 16.67 0.33
N VAL A 6 1.85 16.65 -0.94
CA VAL A 6 0.85 16.62 -2.01
C VAL A 6 1.07 15.33 -2.80
N LEU A 7 0.04 14.50 -2.86
CA LEU A 7 0.11 13.22 -3.55
C LEU A 7 -0.49 13.28 -4.95
N TYR A 8 0.37 13.07 -5.95
CA TYR A 8 -0.08 13.09 -7.35
C TYR A 8 -0.32 11.66 -7.81
N TYR A 9 -1.57 11.36 -8.15
CA TYR A 9 -1.91 10.03 -8.61
C TYR A 9 -3.35 10.02 -9.10
N PHE A 10 -3.84 8.84 -9.44
CA PHE A 10 -5.21 8.70 -9.89
C PHE A 10 -6.10 8.65 -8.65
N ASN A 11 -7.39 8.89 -8.85
CA ASN A 11 -8.34 8.85 -7.74
C ASN A 11 -8.67 7.39 -7.46
N GLY A 12 -7.72 6.69 -6.86
CA GLY A 12 -7.89 5.29 -6.55
C GLY A 12 -6.67 4.75 -5.84
N ARG A 13 -6.68 3.46 -5.49
CA ARG A 13 -5.58 2.83 -4.76
C ARG A 13 -4.24 2.77 -5.49
N GLY A 14 -4.12 1.83 -6.43
CA GLY A 14 -2.87 1.68 -7.16
C GLY A 14 -1.65 1.59 -6.26
N LYS A 15 -0.56 2.19 -6.70
CA LYS A 15 0.69 2.19 -5.94
C LYS A 15 0.75 3.30 -4.90
N MET A 16 -0.22 4.20 -4.94
CA MET A 16 -0.23 5.31 -3.99
C MET A 16 -0.91 4.99 -2.67
N GLU A 17 -1.76 3.96 -2.67
CA GLU A 17 -2.50 3.60 -1.45
C GLU A 17 -1.61 3.35 -0.22
N SER A 18 -0.49 2.65 -0.41
CA SER A 18 0.40 2.37 0.73
C SER A 18 0.98 3.66 1.30
N ILE A 19 1.17 4.65 0.45
CA ILE A 19 1.69 5.94 0.87
C ILE A 19 0.61 6.65 1.68
N ARG A 20 -0.64 6.56 1.23
CA ARG A 20 -1.74 7.18 1.96
C ARG A 20 -1.81 6.53 3.34
N TRP A 21 -1.66 5.21 3.38
CA TRP A 21 -1.69 4.48 4.65
C TRP A 21 -0.62 4.94 5.64
N LEU A 22 0.63 4.99 5.18
CA LEU A 22 1.74 5.38 6.04
C LEU A 22 1.59 6.80 6.57
N LEU A 23 1.21 7.74 5.71
CA LEU A 23 1.03 9.12 6.16
C LEU A 23 -0.08 9.21 7.20
N ALA A 24 -1.19 8.54 6.92
CA ALA A 24 -2.32 8.54 7.85
C ALA A 24 -1.92 7.93 9.18
N ALA A 25 -1.20 6.82 9.13
CA ALA A 25 -0.76 6.13 10.34
C ALA A 25 0.15 7.04 11.17
N ALA A 26 0.93 7.87 10.49
CA ALA A 26 1.85 8.78 11.18
C ALA A 26 1.13 10.04 11.62
N GLY A 27 -0.17 10.13 11.32
CA GLY A 27 -0.97 11.29 11.70
C GLY A 27 -0.68 12.51 10.86
N VAL A 28 -0.17 12.30 9.65
CA VAL A 28 0.16 13.41 8.77
C VAL A 28 -0.94 13.78 7.79
N GLU A 29 -1.37 15.04 7.85
CA GLU A 29 -2.40 15.55 6.95
C GLU A 29 -1.79 15.80 5.59
N PHE A 30 -2.46 15.36 4.53
CA PHE A 30 -1.92 15.55 3.19
C PHE A 30 -3.00 16.00 2.21
N GLU A 31 -2.56 16.42 1.03
CA GLU A 31 -3.46 16.85 -0.02
C GLU A 31 -3.24 15.94 -1.21
N GLU A 32 -4.20 15.87 -2.10
CA GLU A 32 -4.07 15.02 -3.28
C GLU A 32 -4.45 15.75 -4.55
N VAL A 33 -3.73 15.46 -5.62
CA VAL A 33 -4.01 16.03 -6.94
C VAL A 33 -4.28 14.81 -7.80
N PHE A 34 -5.52 14.66 -8.25
CA PHE A 34 -5.90 13.51 -9.07
C PHE A 34 -5.75 13.74 -10.57
N LEU A 35 -5.12 12.78 -11.25
CA LEU A 35 -4.96 12.85 -12.70
C LEU A 35 -6.24 12.31 -13.33
N GLU A 36 -6.98 13.19 -14.00
CA GLU A 36 -8.24 12.80 -14.61
C GLU A 36 -8.28 12.90 -16.13
N THR A 37 -7.37 13.66 -16.71
CA THR A 37 -7.36 13.82 -18.17
C THR A 37 -5.97 13.70 -18.77
N ARG A 38 -5.92 13.38 -20.06
CA ARG A 38 -4.67 13.24 -20.79
C ARG A 38 -3.90 14.57 -20.80
N GLU A 39 -4.62 15.67 -21.03
CA GLU A 39 -3.99 16.99 -21.09
C GLU A 39 -3.33 17.34 -19.77
N GLN A 40 -3.98 16.97 -18.66
CA GLN A 40 -3.43 17.25 -17.34
C GLN A 40 -2.09 16.54 -17.17
N TYR A 41 -2.02 15.30 -17.65
CA TYR A 41 -0.80 14.50 -17.56
C TYR A 41 0.28 15.09 -18.46
N GLU A 42 -0.12 15.51 -19.66
CA GLU A 42 0.84 16.08 -20.60
C GLU A 42 1.44 17.37 -20.00
N LYS A 43 0.62 18.14 -19.30
CA LYS A 43 1.13 19.36 -18.68
C LYS A 43 2.16 19.00 -17.63
N LEU A 44 1.91 17.91 -16.90
CA LEU A 44 2.85 17.45 -15.88
C LEU A 44 4.17 17.06 -16.51
N LEU A 45 4.09 16.31 -17.61
CA LEU A 45 5.29 15.88 -18.31
C LEU A 45 6.12 17.07 -18.78
N GLN A 46 5.43 18.09 -19.29
CA GLN A 46 6.11 19.28 -19.79
C GLN A 46 6.78 20.07 -18.67
N SER A 47 6.20 20.04 -17.47
CA SER A 47 6.77 20.77 -16.34
C SER A 47 8.04 20.10 -15.83
N GLY A 48 8.23 18.84 -16.20
CA GLY A 48 9.42 18.10 -15.77
C GLY A 48 9.44 17.73 -14.30
N ILE A 49 8.31 17.87 -13.61
CA ILE A 49 8.28 17.54 -12.19
C ILE A 49 8.28 16.04 -11.90
N LEU A 50 8.12 15.22 -12.93
CA LEU A 50 8.15 13.77 -12.75
C LEU A 50 9.48 13.30 -13.34
N MET A 51 10.46 13.04 -12.47
CA MET A 51 11.78 12.63 -12.93
C MET A 51 11.80 11.54 -14.00
N PHE A 52 10.96 10.52 -13.84
CA PHE A 52 10.92 9.44 -14.83
C PHE A 52 9.59 9.38 -15.59
N GLN A 53 8.91 10.51 -15.68
CA GLN A 53 7.65 10.62 -16.41
C GLN A 53 6.51 9.78 -15.83
N GLN A 54 6.64 9.34 -14.58
CA GLN A 54 5.62 8.51 -13.96
C GLN A 54 5.15 9.02 -12.60
N VAL A 55 4.01 8.48 -12.16
CA VAL A 55 3.47 8.76 -10.85
C VAL A 55 3.45 7.34 -10.28
N PRO A 56 3.35 7.18 -8.95
CA PRO A 56 3.24 8.16 -7.86
C PRO A 56 4.36 9.21 -7.79
N MET A 57 3.97 10.41 -7.38
CA MET A 57 4.91 11.50 -7.19
C MET A 57 4.36 12.21 -5.97
N VAL A 58 5.23 12.56 -5.04
CA VAL A 58 4.79 13.25 -3.84
C VAL A 58 5.67 14.46 -3.60
N GLU A 59 5.03 15.62 -3.48
CA GLU A 59 5.76 16.86 -3.21
C GLU A 59 5.87 16.93 -1.70
N ILE A 60 7.07 16.76 -1.18
CA ILE A 60 7.27 16.78 0.26
C ILE A 60 8.62 17.35 0.64
N ASP A 61 8.61 18.24 1.62
CA ASP A 61 9.82 18.89 2.11
C ASP A 61 10.73 19.41 1.00
N GLY A 62 10.13 20.11 0.04
CA GLY A 62 10.88 20.69 -1.06
C GLY A 62 11.25 19.75 -2.20
N MET A 63 11.01 18.46 -2.03
CA MET A 63 11.36 17.48 -3.06
C MET A 63 10.17 17.09 -3.92
N LYS A 64 10.45 16.68 -5.16
CA LYS A 64 9.44 16.18 -6.09
C LYS A 64 9.85 14.72 -6.17
N LEU A 65 9.44 13.96 -5.15
CA LEU A 65 9.83 12.57 -5.02
C LEU A 65 9.01 11.56 -5.81
N VAL A 66 9.70 10.77 -6.63
CA VAL A 66 9.05 9.71 -7.41
C VAL A 66 9.69 8.38 -6.99
N GLN A 67 9.07 7.29 -7.43
CA GLN A 67 9.46 5.92 -7.10
C GLN A 67 8.80 5.61 -5.75
N THR A 68 7.74 4.81 -5.81
CA THR A 68 6.96 4.42 -4.65
C THR A 68 7.79 4.09 -3.41
N ARG A 69 8.75 3.17 -3.54
CA ARG A 69 9.54 2.78 -2.38
C ARG A 69 10.39 3.91 -1.81
N ALA A 70 10.91 4.78 -2.67
CA ALA A 70 11.73 5.90 -2.20
C ALA A 70 10.86 6.83 -1.33
N ILE A 71 9.63 7.05 -1.77
CA ILE A 71 8.69 7.90 -1.04
C ILE A 71 8.37 7.28 0.32
N LEU A 72 8.02 6.00 0.34
CA LEU A 72 7.71 5.30 1.57
C LEU A 72 8.91 5.27 2.52
N ASN A 73 10.09 4.95 2.00
CA ASN A 73 11.30 4.91 2.81
C ASN A 73 11.49 6.25 3.51
N TYR A 74 11.28 7.34 2.77
CA TYR A 74 11.44 8.67 3.33
C TYR A 74 10.44 8.96 4.46
N ILE A 75 9.17 8.68 4.20
CA ILE A 75 8.13 8.92 5.19
C ILE A 75 8.35 8.07 6.45
N ALA A 76 8.69 6.80 6.26
CA ALA A 76 8.93 5.90 7.39
C ALA A 76 10.08 6.43 8.25
N GLY A 77 11.14 6.90 7.60
CA GLY A 77 12.28 7.43 8.33
C GLY A 77 11.97 8.76 9.02
N LYS A 78 11.33 9.66 8.30
CA LYS A 78 10.99 10.97 8.84
C LYS A 78 10.09 10.89 10.07
N TYR A 79 9.16 9.94 10.07
CA TYR A 79 8.23 9.82 11.19
C TYR A 79 8.53 8.69 12.18
N ASN A 80 9.80 8.29 12.24
CA ASN A 80 10.26 7.27 13.18
C ASN A 80 9.48 5.95 13.18
N LEU A 81 9.19 5.44 12.00
CA LEU A 81 8.48 4.18 11.86
C LEU A 81 9.39 3.23 11.09
N TYR A 82 10.70 3.49 11.17
CA TYR A 82 11.70 2.69 10.48
C TYR A 82 12.70 1.99 11.41
N GLY A 83 12.30 1.74 12.65
CA GLY A 83 13.21 1.08 13.56
C GLY A 83 14.21 2.04 14.18
N LYS A 84 15.11 1.52 15.01
CA LYS A 84 16.08 2.38 15.68
C LYS A 84 17.53 2.23 15.20
N ASP A 85 17.78 1.26 14.33
CA ASP A 85 19.13 1.06 13.81
C ASP A 85 19.10 0.32 12.49
N LEU A 86 20.28 0.15 11.90
CA LEU A 86 20.43 -0.52 10.63
C LEU A 86 19.82 -1.92 10.56
N LYS A 87 20.03 -2.71 11.61
CA LYS A 87 19.47 -4.07 11.62
C LYS A 87 17.95 -4.11 11.72
N GLU A 88 17.37 -3.20 12.50
CA GLU A 88 15.93 -3.18 12.63
C GLU A 88 15.33 -2.72 11.30
N ARG A 89 16.04 -1.83 10.62
CA ARG A 89 15.54 -1.37 9.34
C ARG A 89 15.59 -2.53 8.35
N ALA A 90 16.61 -3.37 8.46
CA ALA A 90 16.75 -4.52 7.57
C ALA A 90 15.57 -5.46 7.74
N LEU A 91 15.15 -5.69 8.98
CA LEU A 91 14.01 -6.57 9.24
C LEU A 91 12.75 -5.93 8.68
N ILE A 92 12.59 -4.62 8.91
CA ILE A 92 11.43 -3.91 8.41
C ILE A 92 11.39 -3.98 6.88
N ASP A 93 12.55 -3.79 6.24
CA ASP A 93 12.61 -3.85 4.78
C ASP A 93 12.29 -5.26 4.26
N MET A 94 12.76 -6.26 4.98
CA MET A 94 12.50 -7.63 4.56
C MET A 94 11.01 -7.93 4.66
N TYR A 95 10.39 -7.51 5.75
CA TYR A 95 8.96 -7.74 5.94
C TYR A 95 8.15 -6.96 4.90
N VAL A 96 8.51 -5.70 4.71
CA VAL A 96 7.81 -4.86 3.74
C VAL A 96 7.92 -5.44 2.33
N GLY A 97 9.08 -6.01 2.02
CA GLY A 97 9.27 -6.59 0.70
C GLY A 97 8.25 -7.69 0.44
N GLY A 98 7.96 -8.48 1.48
CA GLY A 98 7.00 -9.55 1.34
C GLY A 98 5.59 -9.05 1.10
N THR A 99 5.15 -8.05 1.88
CA THR A 99 3.80 -7.53 1.71
C THR A 99 3.69 -6.68 0.44
N ASP A 100 4.82 -6.14 -0.01
CA ASP A 100 4.83 -5.33 -1.23
C ASP A 100 4.61 -6.29 -2.40
N ASP A 101 5.23 -7.47 -2.34
CA ASP A 101 5.05 -8.46 -3.39
C ASP A 101 3.60 -8.95 -3.38
N LEU A 102 3.09 -9.27 -2.19
CA LEU A 102 1.73 -9.76 -2.05
C LEU A 102 0.70 -8.77 -2.59
N MET A 103 0.76 -7.53 -2.15
CA MET A 103 -0.19 -6.54 -2.66
C MET A 103 0.11 -6.24 -4.12
N GLY A 104 1.38 -6.40 -4.51
CA GLY A 104 1.76 -6.15 -5.89
C GLY A 104 1.05 -7.10 -6.84
N PHE A 105 0.77 -8.32 -6.37
CA PHE A 105 0.08 -9.31 -7.20
C PHE A 105 -1.37 -8.91 -7.45
N LEU A 106 -1.82 -7.85 -6.78
CA LEU A 106 -3.19 -7.40 -6.96
C LEU A 106 -3.30 -6.10 -7.75
N LEU A 107 -2.16 -5.52 -8.12
CA LEU A 107 -2.19 -4.26 -8.85
C LEU A 107 -2.91 -4.33 -10.21
N SER A 108 -2.78 -5.45 -10.90
CA SER A 108 -3.42 -5.59 -12.21
C SER A 108 -4.88 -6.01 -12.13
N PHE A 109 -5.29 -6.53 -10.98
CA PHE A 109 -6.64 -7.05 -10.80
C PHE A 109 -7.81 -6.33 -11.45
N PRO A 110 -7.95 -5.01 -11.24
CA PRO A 110 -9.10 -4.33 -11.87
C PRO A 110 -9.05 -4.27 -13.39
N PHE A 111 -7.87 -4.51 -13.97
CA PHE A 111 -7.70 -4.47 -15.41
C PHE A 111 -7.86 -5.84 -16.05
N LEU A 112 -8.10 -6.86 -15.24
CA LEU A 112 -8.24 -8.23 -15.74
C LEU A 112 -9.65 -8.59 -16.19
N SER A 113 -9.74 -9.58 -17.07
CA SER A 113 -11.04 -10.06 -17.55
C SER A 113 -11.68 -10.81 -16.39
N ALA A 114 -12.98 -11.09 -16.51
CA ALA A 114 -13.70 -11.80 -15.46
C ALA A 114 -13.04 -13.15 -15.15
N GLU A 115 -12.61 -13.85 -16.19
CA GLU A 115 -11.97 -15.15 -16.04
C GLU A 115 -10.62 -15.06 -15.34
N ASP A 116 -9.82 -14.08 -15.74
CA ASP A 116 -8.50 -13.91 -15.14
C ASP A 116 -8.57 -13.42 -13.70
N LYS A 117 -9.65 -12.71 -13.35
CA LYS A 117 -9.82 -12.23 -12.00
C LYS A 117 -9.98 -13.42 -11.06
N VAL A 118 -10.74 -14.41 -11.51
CA VAL A 118 -10.97 -15.61 -10.73
C VAL A 118 -9.65 -16.34 -10.52
N LYS A 119 -8.87 -16.48 -11.59
CA LYS A 119 -7.59 -17.15 -11.52
C LYS A 119 -6.60 -16.38 -10.63
N GLN A 120 -6.53 -15.07 -10.84
CA GLN A 120 -5.62 -14.24 -10.06
C GLN A 120 -5.98 -14.28 -8.58
N CYS A 121 -7.27 -14.21 -8.28
CA CYS A 121 -7.73 -14.24 -6.90
C CYS A 121 -7.26 -15.52 -6.22
N ALA A 122 -7.38 -16.65 -6.92
CA ALA A 122 -6.94 -17.93 -6.37
C ALA A 122 -5.43 -17.91 -6.15
N PHE A 123 -4.72 -17.30 -7.09
CA PHE A 123 -3.26 -17.19 -7.03
C PHE A 123 -2.83 -16.40 -5.79
N VAL A 124 -3.46 -15.25 -5.58
CA VAL A 124 -3.15 -14.39 -4.45
C VAL A 124 -3.46 -15.04 -3.10
N VAL A 125 -4.65 -15.64 -2.98
CA VAL A 125 -5.04 -16.29 -1.74
C VAL A 125 -4.07 -17.43 -1.40
N GLU A 126 -3.66 -18.18 -2.41
CA GLU A 126 -2.72 -19.29 -2.21
C GLU A 126 -1.38 -18.74 -1.70
N LYS A 127 -0.92 -17.64 -2.28
CA LYS A 127 0.33 -17.03 -1.84
C LYS A 127 0.20 -16.56 -0.39
N ALA A 128 -0.94 -15.97 -0.06
CA ALA A 128 -1.15 -15.46 1.30
C ALA A 128 -1.14 -16.58 2.34
N THR A 129 -1.89 -17.64 2.09
CA THR A 129 -1.98 -18.73 3.05
C THR A 129 -0.81 -19.71 3.09
N SER A 130 -0.11 -19.89 1.98
CA SER A 130 1.01 -20.83 1.98
C SER A 130 2.39 -20.20 2.11
N ARG A 131 2.50 -18.92 1.80
CA ARG A 131 3.80 -18.27 1.86
C ARG A 131 3.93 -17.10 2.82
N TYR A 132 3.11 -16.07 2.63
CA TYR A 132 3.21 -14.88 3.47
C TYR A 132 2.63 -14.94 4.88
N PHE A 133 1.35 -15.28 5.04
CA PHE A 133 0.79 -15.34 6.38
C PHE A 133 1.61 -16.26 7.30
N PRO A 134 2.06 -17.42 6.80
CA PRO A 134 2.84 -18.31 7.66
C PRO A 134 4.14 -17.65 8.14
N ALA A 135 4.78 -16.88 7.26
CA ALA A 135 6.02 -16.21 7.61
C ALA A 135 5.85 -15.16 8.70
N TYR A 136 4.83 -14.31 8.57
CA TYR A 136 4.59 -13.28 9.58
C TYR A 136 4.04 -13.88 10.88
N GLU A 137 3.23 -14.93 10.76
CA GLU A 137 2.70 -15.59 11.94
C GLU A 137 3.91 -16.09 12.75
N LYS A 138 4.90 -16.63 12.06
CA LYS A 138 6.11 -17.15 12.69
C LYS A 138 6.92 -16.06 13.39
N VAL A 139 7.01 -14.88 12.77
CA VAL A 139 7.75 -13.78 13.38
C VAL A 139 7.13 -13.42 14.73
N LEU A 140 5.81 -13.29 14.74
CA LEU A 140 5.09 -12.96 15.97
C LEU A 140 5.23 -14.08 16.99
N LYS A 141 5.11 -15.32 16.54
CA LYS A 141 5.22 -16.46 17.42
C LYS A 141 6.61 -16.58 18.06
N ASP A 142 7.65 -16.33 17.26
CA ASP A 142 9.01 -16.44 17.76
C ASP A 142 9.39 -15.45 18.86
N HIS A 143 8.94 -14.20 18.76
CA HIS A 143 9.29 -13.24 19.81
C HIS A 143 8.13 -12.90 20.74
N GLY A 144 6.93 -13.31 20.37
CA GLY A 144 5.74 -13.06 21.18
C GLY A 144 5.36 -11.64 21.49
N GLN A 145 5.84 -10.67 20.71
CA GLN A 145 5.52 -9.28 20.97
C GLN A 145 4.35 -8.80 20.11
N ASP A 146 3.74 -7.68 20.51
CA ASP A 146 2.59 -7.13 19.79
C ASP A 146 2.91 -6.56 18.42
N PHE A 147 4.17 -6.20 18.20
CA PHE A 147 4.60 -5.61 16.94
C PHE A 147 5.65 -6.47 16.26
N LEU A 148 5.77 -6.31 14.94
CA LEU A 148 6.73 -7.09 14.17
C LEU A 148 8.18 -6.81 14.54
N VAL A 149 8.52 -5.53 14.73
CA VAL A 149 9.90 -5.16 15.03
C VAL A 149 10.06 -4.14 16.16
N GLY A 150 11.07 -4.38 17.01
CA GLY A 150 11.37 -3.46 18.10
C GLY A 150 10.30 -3.21 19.15
N ASN A 151 9.30 -4.08 19.22
CA ASN A 151 8.20 -3.94 20.20
C ASN A 151 7.52 -2.57 20.16
N ARG A 152 7.41 -2.01 18.96
CA ARG A 152 6.76 -0.72 18.79
C ARG A 152 6.28 -0.67 17.34
N LEU A 153 5.27 0.15 17.10
CA LEU A 153 4.70 0.30 15.76
C LEU A 153 5.74 0.73 14.73
N SER A 154 5.75 0.06 13.59
CA SER A 154 6.68 0.40 12.52
C SER A 154 5.93 0.30 11.19
N TRP A 155 6.61 0.76 10.15
CA TRP A 155 6.04 0.73 8.81
C TRP A 155 5.67 -0.71 8.44
N ALA A 156 6.46 -1.67 8.90
CA ALA A 156 6.19 -3.08 8.58
C ALA A 156 4.80 -3.52 9.07
N ASP A 157 4.40 -3.05 10.24
CA ASP A 157 3.09 -3.41 10.80
C ASP A 157 1.96 -2.83 9.96
N ILE A 158 2.17 -1.58 9.53
CA ILE A 158 1.19 -0.85 8.73
C ILE A 158 1.04 -1.48 7.35
N HIS A 159 2.15 -1.88 6.75
CA HIS A 159 2.12 -2.50 5.42
C HIS A 159 1.43 -3.86 5.51
N LEU A 160 1.72 -4.61 6.57
CA LEU A 160 1.11 -5.92 6.74
C LEU A 160 -0.40 -5.82 6.98
N LEU A 161 -0.83 -4.86 7.80
CA LEU A 161 -2.26 -4.71 8.05
C LEU A 161 -2.98 -4.40 6.74
N GLU A 162 -2.44 -3.47 5.96
CA GLU A 162 -3.05 -3.14 4.69
C GLU A 162 -3.16 -4.37 3.81
N ALA A 163 -2.08 -5.16 3.74
CA ALA A 163 -2.06 -6.38 2.93
C ALA A 163 -3.09 -7.39 3.40
N ILE A 164 -3.19 -7.56 4.71
CA ILE A 164 -4.15 -8.48 5.28
C ILE A 164 -5.57 -8.09 4.86
N LEU A 165 -5.87 -6.80 4.94
CA LEU A 165 -7.21 -6.34 4.57
C LEU A 165 -7.50 -6.55 3.09
N MET A 166 -6.49 -6.35 2.24
CA MET A 166 -6.67 -6.54 0.81
C MET A 166 -6.94 -8.01 0.48
N VAL A 167 -6.28 -8.91 1.20
CA VAL A 167 -6.48 -10.33 0.95
C VAL A 167 -7.88 -10.71 1.43
N GLU A 168 -8.27 -10.19 2.59
CA GLU A 168 -9.59 -10.50 3.12
C GLU A 168 -10.72 -9.97 2.23
N GLU A 169 -10.45 -8.91 1.47
CA GLU A 169 -11.46 -8.38 0.56
C GLU A 169 -11.69 -9.42 -0.54
N LYS A 170 -10.68 -10.23 -0.81
CA LYS A 170 -10.78 -11.25 -1.84
C LYS A 170 -11.28 -12.58 -1.27
N LYS A 171 -10.87 -12.91 -0.05
CA LYS A 171 -11.29 -14.15 0.62
C LYS A 171 -11.43 -13.79 2.09
N SER A 172 -12.67 -13.54 2.52
CA SER A 172 -12.94 -13.13 3.90
C SER A 172 -12.38 -13.99 5.02
N ASP A 173 -12.23 -15.29 4.80
CA ASP A 173 -11.71 -16.18 5.85
C ASP A 173 -10.24 -16.56 5.65
N ALA A 174 -9.54 -15.79 4.82
CA ALA A 174 -8.13 -16.05 4.51
C ALA A 174 -7.19 -16.08 5.72
N LEU A 175 -7.55 -15.35 6.77
CA LEU A 175 -6.69 -15.29 7.96
C LEU A 175 -6.99 -16.42 8.93
N SER A 176 -7.95 -17.27 8.58
CA SER A 176 -8.31 -18.40 9.42
C SER A 176 -7.08 -19.30 9.56
N GLY A 177 -6.80 -19.74 10.79
CA GLY A 177 -5.64 -20.60 11.00
C GLY A 177 -4.37 -19.84 11.35
N PHE A 178 -4.49 -18.52 11.46
CA PHE A 178 -3.36 -17.66 11.81
C PHE A 178 -3.81 -16.78 12.97
N PRO A 179 -3.97 -17.38 14.16
CA PRO A 179 -4.40 -16.69 15.38
C PRO A 179 -3.62 -15.45 15.79
N LEU A 180 -2.30 -15.49 15.66
CA LEU A 180 -1.51 -14.33 16.05
C LEU A 180 -1.76 -13.17 15.08
N LEU A 181 -1.89 -13.48 13.79
CA LEU A 181 -2.17 -12.43 12.81
C LEU A 181 -3.57 -11.87 13.04
N GLN A 182 -4.47 -12.72 13.51
CA GLN A 182 -5.83 -12.27 13.79
C GLN A 182 -5.82 -11.26 14.92
N ALA A 183 -5.07 -11.57 15.98
CA ALA A 183 -4.95 -10.66 17.12
C ALA A 183 -4.23 -9.39 16.67
N PHE A 184 -3.19 -9.57 15.86
CA PHE A 184 -2.41 -8.46 15.34
C PHE A 184 -3.32 -7.51 14.55
N LYS A 185 -4.18 -8.06 13.70
CA LYS A 185 -5.10 -7.25 12.91
C LYS A 185 -5.94 -6.35 13.81
N LYS A 186 -6.51 -6.93 14.86
CA LYS A 186 -7.34 -6.16 15.78
C LYS A 186 -6.56 -5.07 16.51
N ARG A 187 -5.37 -5.41 17.00
CA ARG A 187 -4.55 -4.42 17.73
C ARG A 187 -4.15 -3.23 16.87
N ILE A 188 -3.56 -3.51 15.71
CA ILE A 188 -3.10 -2.42 14.84
C ILE A 188 -4.27 -1.58 14.32
N SER A 189 -5.40 -2.23 14.05
CA SER A 189 -6.57 -1.51 13.55
C SER A 189 -7.14 -0.56 14.60
N SER A 190 -6.84 -0.83 15.87
CA SER A 190 -7.33 -0.01 16.97
C SER A 190 -6.48 1.20 17.30
N ILE A 191 -5.24 1.23 16.82
CA ILE A 191 -4.36 2.36 17.07
C ILE A 191 -5.11 3.59 16.51
N PRO A 192 -5.30 4.62 17.35
CA PRO A 192 -6.00 5.86 17.00
C PRO A 192 -5.89 6.38 15.57
N THR A 193 -4.66 6.64 15.10
CA THR A 193 -4.49 7.15 13.74
C THR A 193 -4.99 6.15 12.70
N ILE A 194 -4.76 4.87 12.96
CA ILE A 194 -5.18 3.85 12.01
C ILE A 194 -6.68 3.62 12.07
N LYS A 195 -7.25 3.66 13.27
CA LYS A 195 -8.70 3.48 13.41
C LYS A 195 -9.40 4.57 12.63
N LYS A 196 -8.86 5.79 12.70
CA LYS A 196 -9.43 6.94 12.01
C LYS A 196 -9.38 6.74 10.49
N PHE A 197 -8.28 6.18 10.00
CA PHE A 197 -8.11 5.95 8.57
C PHE A 197 -9.09 4.89 8.06
N LEU A 198 -9.42 3.92 8.91
CA LEU A 198 -10.35 2.86 8.54
C LEU A 198 -11.79 3.30 8.73
N ALA A 199 -11.97 4.45 9.38
CA ALA A 199 -13.30 4.99 9.65
C ALA A 199 -13.88 5.68 8.41
N PRO A 200 -15.20 5.92 8.41
CA PRO A 200 -15.84 6.58 7.28
C PRO A 200 -15.30 7.99 7.07
N GLY A 201 -15.30 8.46 5.84
CA GLY A 201 -14.85 9.81 5.56
C GLY A 201 -13.34 10.04 5.44
N SER A 202 -12.54 8.99 5.60
CA SER A 202 -11.10 9.12 5.50
C SER A 202 -10.69 9.18 4.03
N LYS A 203 -9.39 9.39 3.79
CA LYS A 203 -8.89 9.44 2.42
C LYS A 203 -8.51 8.06 1.90
N ARG A 204 -8.79 7.02 2.69
CA ARG A 204 -8.49 5.66 2.25
C ARG A 204 -9.32 5.45 1.00
N LYS A 205 -8.74 4.81 -0.01
CA LYS A 205 -9.45 4.58 -1.26
C LYS A 205 -10.10 3.20 -1.32
N PRO A 206 -11.22 3.08 -2.05
CA PRO A 206 -11.92 1.80 -2.16
C PRO A 206 -11.30 0.85 -3.17
N ILE A 207 -11.82 -0.38 -3.20
CA ILE A 207 -11.36 -1.38 -4.16
C ILE A 207 -11.58 -0.76 -5.54
N SER A 208 -10.56 -0.83 -6.39
CA SER A 208 -10.63 -0.24 -7.73
C SER A 208 -11.74 -0.84 -8.59
N ASP A 209 -12.41 0.02 -9.36
CA ASP A 209 -13.51 -0.41 -10.22
C ASP A 209 -13.25 -0.07 -11.69
N ASP A 210 -14.24 -0.31 -12.55
CA ASP A 210 -14.09 -0.03 -13.98
C ASP A 210 -13.82 1.45 -14.27
N LYS A 211 -14.38 2.33 -13.45
CA LYS A 211 -14.19 3.76 -13.63
C LYS A 211 -12.70 4.09 -13.46
N TYR A 212 -12.08 3.50 -12.45
CA TYR A 212 -10.66 3.72 -12.19
C TYR A 212 -9.84 3.28 -13.40
N VAL A 213 -10.10 2.08 -13.87
CA VAL A 213 -9.39 1.53 -15.03
C VAL A 213 -9.55 2.43 -16.23
N GLU A 214 -10.79 2.85 -16.49
CA GLU A 214 -11.10 3.72 -17.60
C GLU A 214 -10.30 5.02 -17.52
N THR A 215 -10.17 5.56 -16.32
CA THR A 215 -9.42 6.81 -16.13
C THR A 215 -7.92 6.60 -16.36
N VAL A 216 -7.36 5.51 -15.85
CA VAL A 216 -5.95 5.23 -16.03
C VAL A 216 -5.64 5.10 -17.53
N ARG A 217 -6.48 4.36 -18.23
CA ARG A 217 -6.30 4.16 -19.66
C ARG A 217 -6.46 5.46 -20.45
N ARG A 218 -7.36 6.32 -20.01
CA ARG A 218 -7.58 7.59 -20.69
C ARG A 218 -6.41 8.55 -20.51
N VAL A 219 -5.88 8.58 -19.29
CA VAL A 219 -4.77 9.47 -18.97
C VAL A 219 -3.43 9.01 -19.54
N LEU A 220 -3.11 7.74 -19.35
CA LEU A 220 -1.84 7.19 -19.81
C LEU A 220 -1.86 6.52 -21.18
N ARG A 221 -3.04 6.24 -21.71
CA ARG A 221 -3.16 5.58 -23.00
C ARG A 221 -2.35 4.29 -23.01
N MET A 222 -2.43 3.54 -21.92
CA MET A 222 -1.70 2.29 -21.75
C MET A 222 -2.58 1.30 -21.01
N TYR A 223 -2.01 0.12 -20.74
CA TYR A 223 -2.70 -0.93 -20.00
C TYR A 223 -4.05 -1.29 -20.63
N TYR A 224 -4.05 -1.44 -21.95
CA TYR A 224 -5.27 -1.79 -22.67
C TYR A 224 -5.54 -3.30 -22.68
N ASP A 225 -4.50 -4.09 -22.42
CA ASP A 225 -4.66 -5.54 -22.40
C ASP A 225 -3.76 -6.15 -21.34
N VAL A 226 -4.28 -6.26 -20.13
CA VAL A 226 -3.52 -6.81 -19.01
C VAL A 226 -3.81 -8.29 -18.83
N LYS A 227 -2.76 -9.06 -18.55
CA LYS A 227 -2.89 -10.50 -18.35
C LYS A 227 -2.58 -10.87 -16.90
N PRO A 228 -3.11 -12.01 -16.43
CA PRO A 228 -2.88 -12.47 -15.06
C PRO A 228 -1.46 -12.96 -14.84
N1 GSH B . 8.79 1.84 -10.13
CA1 GSH B . 7.85 2.92 -10.22
C1 GSH B . 7.30 3.07 -8.81
O11 GSH B . 6.79 4.15 -8.50
O12 GSH B . 7.36 2.11 -8.04
CB1 GSH B . 6.78 2.54 -11.25
CG1 GSH B . 5.71 3.61 -11.49
CD1 GSH B . 4.68 3.23 -12.52
OE1 GSH B . 4.72 2.13 -13.09
N2 GSH B . 3.77 4.16 -12.73
CA2 GSH B . 2.68 4.04 -13.68
C2 GSH B . 2.97 5.05 -14.77
O2 GSH B . 3.22 6.25 -14.46
CB2 GSH B . 1.32 4.35 -13.05
SG2 GSH B . 0.82 3.19 -11.73
N3 GSH B . 2.93 4.57 -16.00
CA3 GSH B . 3.16 5.38 -17.16
C3 GSH B . 4.45 5.00 -17.86
O31 GSH B . 4.69 5.55 -18.93
O32 GSH B . 5.24 4.16 -17.35
#